data_4HV0
#
_entry.id   4HV0
#
_cell.length_a   50.153
_cell.length_b   59.550
_cell.length_c   84.039
_cell.angle_alpha   90.00
_cell.angle_beta   102.76
_cell.angle_gamma   90.00
#
_symmetry.space_group_name_H-M   'P 1 21 1'
#
loop_
_entity.id
_entity.type
_entity.pdbx_description
1 polymer AvtR
2 water water
#
_entity_poly.entity_id   1
_entity_poly.type   'polypeptide(L)'
_entity_poly.pdbx_seq_one_letter_code
;(MSE)(MSE)VTVEEEVYEFLKKKAKEEGTSVPAVIRKILKEYFGIEDRTRDYKRQDLEGSYIIVNGKKYYRINCKLEKR
NEILVKLELKKRGTTLNRFLKE(MSE)I(MSE)ITVHHHHHH
;
_entity_poly.pdbx_strand_id   A,B,C,D
#
# COMPACT_ATOMS: atom_id res chain seq x y z
N VAL A 3 8.64 -14.12 24.16
CA VAL A 3 8.59 -14.12 22.70
C VAL A 3 7.29 -13.45 22.20
N THR A 4 7.33 -12.85 21.01
CA THR A 4 6.10 -12.38 20.35
C THR A 4 5.92 -13.02 19.01
N VAL A 5 4.78 -13.68 18.80
CA VAL A 5 4.52 -14.35 17.52
C VAL A 5 3.22 -13.92 16.85
N GLU A 6 3.14 -14.09 15.54
CA GLU A 6 1.92 -13.93 14.77
C GLU A 6 0.91 -15.02 15.10
N GLU A 7 -0.36 -14.77 14.77
CA GLU A 7 -1.44 -15.69 15.10
C GLU A 7 -1.28 -17.08 14.45
N GLU A 8 -0.96 -17.12 13.17
CA GLU A 8 -0.73 -18.39 12.49
C GLU A 8 0.30 -19.27 13.23
N VAL A 9 1.39 -18.66 13.68
CA VAL A 9 2.40 -19.38 14.41
C VAL A 9 1.86 -19.89 15.74
N TYR A 10 1.13 -19.04 16.43
CA TYR A 10 0.56 -19.41 17.73
C TYR A 10 -0.42 -20.58 17.58
N GLU A 11 -1.28 -20.54 16.55
CA GLU A 11 -2.21 -21.64 16.34
C GLU A 11 -1.41 -22.93 16.23
N PHE A 12 -0.40 -22.91 15.37
CA PHE A 12 0.46 -24.07 15.18
C PHE A 12 1.07 -24.57 16.48
N LEU A 13 1.63 -23.67 17.28
CA LEU A 13 2.21 -24.05 18.55
C LEU A 13 1.18 -24.59 19.53
N LYS A 14 -0.01 -24.00 19.51
CA LYS A 14 -1.08 -24.43 20.42
C LYS A 14 -1.52 -25.87 20.11
N LYS A 15 -1.62 -26.21 18.81
CA LYS A 15 -1.99 -27.55 18.37
C LYS A 15 -0.96 -28.59 18.76
N LYS A 16 0.33 -28.30 18.61
CA LYS A 16 1.33 -29.23 19.09
C LYS A 16 1.25 -29.32 20.61
N ALA A 17 1.04 -28.20 21.30
CA ALA A 17 0.94 -28.25 22.77
C ALA A 17 -0.19 -29.21 23.20
N LYS A 18 -1.34 -29.12 22.55
CA LYS A 18 -2.43 -30.06 22.82
C LYS A 18 -2.13 -31.50 22.34
N GLU A 19 -1.76 -31.66 21.06
CA GLU A 19 -1.35 -32.97 20.48
C GLU A 19 -0.44 -33.76 21.41
N GLU A 20 0.50 -33.06 22.01
CA GLU A 20 1.39 -33.60 23.03
C GLU A 20 0.79 -33.02 24.28
N GLY A 21 0.94 -33.68 25.41
CA GLY A 21 0.26 -33.21 26.61
C GLY A 21 1.00 -32.11 27.34
N THR A 22 1.14 -30.94 26.71
CA THR A 22 2.04 -29.90 27.25
C THR A 22 1.56 -28.51 26.92
N SER A 23 2.25 -27.53 27.47
CA SER A 23 1.97 -26.13 27.18
C SER A 23 2.63 -25.62 25.88
N VAL A 24 2.24 -24.42 25.44
CA VAL A 24 2.85 -23.77 24.30
C VAL A 24 4.32 -23.40 24.58
N PRO A 25 4.65 -22.95 25.80
CA PRO A 25 6.06 -22.75 26.11
C PRO A 25 6.93 -24.02 26.11
N ALA A 26 6.34 -25.16 26.46
CA ALA A 26 7.09 -26.42 26.40
C ALA A 26 7.46 -26.74 24.96
N VAL A 27 6.53 -26.49 24.06
CA VAL A 27 6.76 -26.74 22.65
C VAL A 27 7.88 -25.80 22.12
N ILE A 28 7.81 -24.50 22.42
CA ILE A 28 8.88 -23.57 22.04
C ILE A 28 10.21 -24.02 22.59
N ARG A 29 10.29 -24.37 23.89
CA ARG A 29 11.52 -24.92 24.47
C ARG A 29 12.03 -26.15 23.74
N LYS A 30 11.15 -27.04 23.33
CA LYS A 30 11.59 -28.22 22.60
C LYS A 30 12.19 -27.85 21.25
N ILE A 31 11.53 -26.94 20.52
CA ILE A 31 12.04 -26.47 19.22
C ILE A 31 13.40 -25.80 19.42
N LEU A 32 13.51 -24.92 20.41
CA LEU A 32 14.81 -24.28 20.70
C LEU A 32 15.89 -25.30 21.07
N LYS A 33 15.56 -26.31 21.86
CA LYS A 33 16.58 -27.32 22.24
C LYS A 33 17.05 -28.10 21.02
N GLU A 34 16.11 -28.50 20.18
CA GLU A 34 16.42 -29.26 18.98
C GLU A 34 17.17 -28.47 17.91
N TYR A 35 16.72 -27.27 17.60
CA TYR A 35 17.35 -26.49 16.50
C TYR A 35 18.59 -25.70 16.94
N PHE A 36 18.75 -25.40 18.23
CA PHE A 36 19.99 -24.75 18.70
C PHE A 36 20.93 -25.73 19.40
N GLY A 37 20.46 -26.95 19.58
CA GLY A 37 21.31 -28.04 20.02
C GLY A 37 21.79 -27.92 21.46
N ILE A 38 20.92 -27.40 22.31
CA ILE A 38 21.21 -27.08 23.70
C ILE A 38 20.33 -27.80 24.73
N GLU A 39 20.94 -27.93 25.89
CA GLU A 39 20.34 -28.53 27.05
C GLU A 39 19.73 -27.41 27.88
N ASP A 40 18.47 -27.55 28.26
CA ASP A 40 17.86 -26.60 29.18
C ASP A 40 17.00 -27.27 30.25
N ARG A 41 17.27 -26.89 31.50
CA ARG A 41 16.62 -27.52 32.66
C ARG A 41 15.25 -26.95 32.95
N THR A 42 15.00 -25.71 32.56
CA THR A 42 13.70 -25.06 32.76
C THR A 42 12.49 -25.95 32.37
N ARG A 43 11.40 -25.81 33.14
CA ARG A 43 10.12 -26.48 32.89
C ARG A 43 8.91 -25.56 33.12
N GLU A 51 -4.74 -19.29 28.78
CA GLU A 51 -3.32 -19.59 28.71
C GLU A 51 -2.52 -18.45 28.02
N GLY A 52 -2.85 -18.16 26.75
CA GLY A 52 -2.06 -17.25 25.88
C GLY A 52 -2.68 -15.89 25.57
N SER A 53 -2.06 -14.81 26.06
CA SER A 53 -2.51 -13.42 25.86
C SER A 53 -1.90 -12.71 24.64
N TYR A 54 -2.52 -11.62 24.18
CA TYR A 54 -2.12 -10.95 22.94
C TYR A 54 -2.35 -9.44 22.88
N ILE A 55 -1.93 -8.82 21.78
CA ILE A 55 -2.28 -7.44 21.48
C ILE A 55 -2.75 -7.36 20.06
N ILE A 56 -3.61 -6.38 19.78
CA ILE A 56 -4.16 -6.18 18.45
C ILE A 56 -3.54 -4.95 17.81
N VAL A 57 -2.90 -5.12 16.65
CA VAL A 57 -2.31 -4.00 15.88
C VAL A 57 -2.76 -4.09 14.44
N ASN A 58 -3.36 -3.02 13.94
CA ASN A 58 -4.09 -3.04 12.67
C ASN A 58 -4.95 -4.24 12.46
N GLY A 59 -5.67 -4.61 13.50
CA GLY A 59 -6.61 -5.70 13.41
C GLY A 59 -6.03 -7.07 13.53
N LYS A 60 -4.70 -7.19 13.63
CA LYS A 60 -4.06 -8.50 13.74
C LYS A 60 -3.64 -8.75 15.15
N LYS A 61 -3.82 -9.99 15.59
CA LYS A 61 -3.39 -10.41 16.92
C LYS A 61 -1.93 -10.82 16.89
N TYR A 62 -1.21 -10.48 17.95
CA TYR A 62 0.18 -10.85 18.14
C TYR A 62 0.33 -11.39 19.55
N TYR A 63 0.66 -12.67 19.69
CA TYR A 63 0.66 -13.31 21.00
C TYR A 63 1.99 -13.11 21.70
N ARG A 64 1.93 -12.75 22.98
CA ARG A 64 3.10 -12.61 23.82
C ARG A 64 3.24 -13.89 24.66
N ILE A 65 4.35 -14.62 24.49
CA ILE A 65 4.52 -15.91 25.16
C ILE A 65 5.63 -15.85 26.20
N ASN A 66 5.30 -16.28 27.42
CA ASN A 66 6.27 -16.33 28.51
C ASN A 66 7.16 -17.55 28.39
N CYS A 67 8.08 -17.49 27.42
CA CYS A 67 9.08 -18.52 27.32
C CYS A 67 10.20 -18.11 28.23
N LYS A 68 10.49 -18.96 29.22
CA LYS A 68 11.60 -18.80 30.14
C LYS A 68 12.56 -19.99 29.97
N LEU A 69 13.81 -19.68 29.63
CA LEU A 69 14.94 -20.60 29.53
C LEU A 69 15.98 -20.19 30.58
N GLU A 70 16.93 -21.07 30.87
CA GLU A 70 18.09 -20.70 31.69
C GLU A 70 18.71 -19.46 31.07
N LYS A 71 19.20 -18.55 31.90
CA LYS A 71 19.74 -17.29 31.39
C LYS A 71 20.80 -17.52 30.31
N ARG A 72 21.67 -18.50 30.48
CA ARG A 72 22.73 -18.76 29.50
C ARG A 72 22.17 -19.15 28.11
N ASN A 73 21.11 -19.94 28.08
CA ASN A 73 20.49 -20.32 26.85
C ASN A 73 19.70 -19.18 26.21
N GLU A 74 19.09 -18.33 27.02
CA GLU A 74 18.47 -17.12 26.51
C GLU A 74 19.45 -16.28 25.67
N ILE A 75 20.65 -16.08 26.19
CA ILE A 75 21.66 -15.36 25.46
C ILE A 75 22.10 -16.09 24.20
N LEU A 76 22.33 -17.40 24.26
CA LEU A 76 22.78 -18.14 23.06
C LEU A 76 21.72 -18.02 21.98
N VAL A 77 20.46 -18.21 22.37
CA VAL A 77 19.42 -18.18 21.40
C VAL A 77 19.33 -16.80 20.74
N LYS A 78 19.34 -15.74 21.55
CA LYS A 78 19.35 -14.39 20.98
C LYS A 78 20.50 -14.19 20.03
N LEU A 79 21.66 -14.64 20.43
CA LEU A 79 22.82 -14.44 19.61
C LEU A 79 22.73 -15.19 18.30
N GLU A 80 22.24 -16.43 18.35
CA GLU A 80 22.18 -17.26 17.17
C GLU A 80 21.15 -16.71 16.20
N LEU A 81 20.00 -16.23 16.69
CA LEU A 81 19.01 -15.60 15.84
C LEU A 81 19.61 -14.35 15.20
N LYS A 82 20.42 -13.61 15.94
CA LYS A 82 21.06 -12.41 15.41
C LYS A 82 22.04 -12.77 14.33
N LYS A 83 22.97 -13.65 14.66
CA LYS A 83 23.95 -14.13 13.64
C LYS A 83 23.29 -14.66 12.37
N ARG A 84 22.14 -15.28 12.53
CA ARG A 84 21.44 -15.90 11.45
C ARG A 84 20.59 -14.86 10.73
N GLY A 85 20.38 -13.72 11.39
CA GLY A 85 19.61 -12.62 10.81
C GLY A 85 18.12 -12.90 10.76
N THR A 86 17.56 -13.43 11.84
CA THR A 86 16.14 -13.79 11.85
C THR A 86 15.54 -13.49 13.17
N THR A 87 14.24 -13.18 13.16
CA THR A 87 13.49 -13.07 14.35
C THR A 87 13.11 -14.51 14.68
N LEU A 88 12.70 -14.72 15.91
CA LEU A 88 12.25 -16.00 16.31
C LEU A 88 10.95 -16.33 15.57
N ASN A 89 10.09 -15.32 15.42
CA ASN A 89 8.78 -15.54 14.78
C ASN A 89 8.97 -16.01 13.37
N ARG A 90 9.86 -15.34 12.63
CA ARG A 90 10.06 -15.72 11.26
C ARG A 90 10.71 -17.14 11.18
N PHE A 91 11.61 -17.45 12.11
CA PHE A 91 12.20 -18.77 12.15
C PHE A 91 11.14 -19.85 12.36
N LEU A 92 10.28 -19.67 13.36
CA LEU A 92 9.18 -20.61 13.57
C LEU A 92 8.21 -20.65 12.40
N LYS A 93 7.98 -19.52 11.75
CA LYS A 93 7.09 -19.46 10.57
C LYS A 93 7.65 -20.26 9.40
N GLU A 94 8.96 -20.19 9.17
CA GLU A 94 9.59 -20.93 8.09
C GLU A 94 9.61 -22.43 8.35
N ILE A 96 7.28 -24.01 10.15
CA ILE A 96 5.90 -24.41 9.88
C ILE A 96 5.77 -24.71 8.39
N ILE A 98 7.71 -25.39 6.11
CA ILE A 98 8.34 -26.66 5.75
C ILE A 98 7.57 -27.82 6.45
N THR A 99 6.27 -27.98 6.11
CA THR A 99 5.48 -29.17 6.47
C THR A 99 4.45 -29.50 5.38
N VAL B 3 13.87 5.99 1.03
CA VAL B 3 12.62 5.70 1.72
C VAL B 3 12.14 6.99 2.37
N THR B 4 10.83 7.14 2.59
CA THR B 4 10.32 8.29 3.32
C THR B 4 9.49 7.82 4.52
N VAL B 5 9.91 8.19 5.74
CA VAL B 5 9.19 7.77 6.98
C VAL B 5 8.70 8.96 7.80
N GLU B 6 7.66 8.74 8.60
CA GLU B 6 7.14 9.79 9.46
C GLU B 6 8.13 10.05 10.62
N GLU B 7 7.98 11.19 11.28
CA GLU B 7 8.89 11.63 12.31
C GLU B 7 9.00 10.65 13.50
N GLU B 8 7.87 10.15 13.99
CA GLU B 8 7.91 9.17 15.05
C GLU B 8 8.80 7.95 14.67
N VAL B 9 8.65 7.44 13.46
CA VAL B 9 9.43 6.30 13.01
C VAL B 9 10.89 6.70 12.97
N TYR B 10 11.17 7.88 12.45
CA TYR B 10 12.57 8.32 12.34
C TYR B 10 13.21 8.42 13.70
N GLU B 11 12.51 9.02 14.67
CA GLU B 11 13.07 9.14 16.02
C GLU B 11 13.45 7.73 16.49
N PHE B 12 12.51 6.80 16.37
CA PHE B 12 12.76 5.43 16.77
C PHE B 12 13.98 4.83 16.07
N LEU B 13 14.07 5.00 14.75
CA LEU B 13 15.20 4.46 14.02
C LEU B 13 16.51 5.11 14.45
N LYS B 14 16.46 6.40 14.74
CA LYS B 14 17.67 7.18 15.08
C LYS B 14 18.22 6.68 16.40
N LYS B 15 17.32 6.36 17.34
CA LYS B 15 17.70 5.81 18.65
C LYS B 15 18.31 4.43 18.54
N LYS B 16 17.75 3.53 17.73
CA LYS B 16 18.40 2.23 17.54
C LYS B 16 19.73 2.44 16.87
N ALA B 17 19.80 3.35 15.90
CA ALA B 17 21.08 3.58 15.25
C ALA B 17 22.16 3.98 16.27
N LYS B 18 21.83 4.91 17.17
CA LYS B 18 22.77 5.32 18.24
C LYS B 18 23.03 4.21 19.26
N GLU B 19 21.95 3.65 19.81
CA GLU B 19 22.02 2.55 20.73
C GLU B 19 22.96 1.43 20.27
N GLU B 20 22.93 1.10 18.99
CA GLU B 20 23.87 0.19 18.35
C GLU B 20 24.77 1.14 17.62
N GLY B 21 26.01 0.78 17.37
CA GLY B 21 26.93 1.75 16.84
C GLY B 21 26.86 1.88 15.33
N THR B 22 25.71 2.30 14.81
CA THR B 22 25.41 2.17 13.37
C THR B 22 24.58 3.32 12.87
N SER B 23 24.40 3.37 11.56
CA SER B 23 23.54 4.37 10.93
C SER B 23 22.06 3.95 10.90
N VAL B 24 21.19 4.89 10.58
CA VAL B 24 19.77 4.61 10.42
C VAL B 24 19.50 3.63 9.22
N PRO B 25 20.24 3.76 8.11
CA PRO B 25 20.08 2.80 7.07
C PRO B 25 20.53 1.38 7.43
N ALA B 26 21.54 1.25 8.27
CA ALA B 26 21.97 -0.07 8.72
C ALA B 26 20.82 -0.71 9.50
N VAL B 27 20.12 0.09 10.30
CA VAL B 27 19.05 -0.41 11.10
C VAL B 27 17.92 -0.88 10.21
N ILE B 28 17.49 -0.07 9.24
CA ILE B 28 16.49 -0.50 8.28
C ILE B 28 16.91 -1.80 7.60
N ARG B 29 18.13 -1.84 7.07
CA ARG B 29 18.63 -3.11 6.48
C ARG B 29 18.57 -4.29 7.42
N LYS B 30 18.90 -4.07 8.70
CA LYS B 30 18.87 -5.17 9.66
C LYS B 30 17.42 -5.65 9.88
N ILE B 31 16.48 -4.71 10.00
CA ILE B 31 15.08 -5.03 10.19
C ILE B 31 14.61 -5.79 8.99
N LEU B 32 14.92 -5.30 7.79
CA LEU B 32 14.49 -6.00 6.55
C LEU B 32 15.05 -7.40 6.47
N LYS B 33 16.31 -7.58 6.88
CA LYS B 33 16.84 -8.93 6.91
C LYS B 33 16.10 -9.82 7.88
N GLU B 34 15.92 -9.33 9.09
CA GLU B 34 15.36 -10.12 10.18
C GLU B 34 13.90 -10.43 9.96
N TYR B 35 13.10 -9.44 9.57
CA TYR B 35 11.66 -9.66 9.38
C TYR B 35 11.29 -10.25 8.01
N PHE B 36 12.07 -9.99 6.95
CA PHE B 36 11.69 -10.47 5.58
C PHE B 36 12.61 -11.50 4.91
N GLY B 37 13.82 -11.69 5.46
CA GLY B 37 14.88 -12.46 4.84
C GLY B 37 15.63 -11.76 3.69
N ILE B 38 15.52 -10.44 3.56
CA ILE B 38 16.27 -9.72 2.55
C ILE B 38 17.68 -9.55 2.97
N GLU B 39 18.59 -10.26 2.32
CA GLU B 39 20.03 -10.01 2.42
C GLU B 39 20.36 -8.94 1.42
N ASP B 40 21.04 -7.87 1.82
CA ASP B 40 21.56 -6.90 0.84
C ASP B 40 23.02 -6.51 1.07
N ARG B 41 23.80 -6.62 0.00
CA ARG B 41 25.25 -6.40 0.01
C ARG B 41 25.59 -4.87 -0.10
N THR B 42 24.79 -4.13 -0.84
CA THR B 42 25.05 -2.70 -1.09
C THR B 42 25.41 -1.88 0.19
N ARG B 43 26.28 -0.89 -0.01
CA ARG B 43 26.49 0.20 0.97
C ARG B 43 26.59 1.61 0.27
N ASP B 44 26.30 2.66 1.05
CA ASP B 44 25.95 3.99 0.49
C ASP B 44 27.14 4.99 0.31
N TYR B 45 26.86 6.14 -0.32
CA TYR B 45 27.90 7.14 -0.69
C TYR B 45 27.69 8.49 -0.01
N GLY B 52 20.06 13.04 8.32
CA GLY B 52 18.63 12.92 8.09
C GLY B 52 17.89 14.24 7.86
N SER B 53 17.68 14.55 6.58
CA SER B 53 16.90 15.69 6.11
C SER B 53 15.44 15.31 5.88
N TYR B 54 14.57 16.31 5.74
CA TYR B 54 13.15 16.04 5.59
C TYR B 54 12.42 17.00 4.64
N ILE B 55 11.13 16.76 4.45
CA ILE B 55 10.25 17.61 3.69
C ILE B 55 9.05 17.87 4.56
N ILE B 56 8.46 19.08 4.48
CA ILE B 56 7.20 19.37 5.15
C ILE B 56 6.08 19.33 4.14
N VAL B 57 5.08 18.47 4.39
CA VAL B 57 3.91 18.34 3.52
C VAL B 57 2.68 18.28 4.42
N ASN B 58 1.72 19.15 4.15
CA ASN B 58 0.58 19.38 4.99
C ASN B 58 0.95 19.56 6.47
N GLY B 59 2.04 20.26 6.76
CA GLY B 59 2.47 20.55 8.12
C GLY B 59 3.28 19.46 8.80
N LYS B 60 3.38 18.29 8.19
CA LYS B 60 4.08 17.16 8.79
C LYS B 60 5.45 16.96 8.17
N LYS B 61 6.42 16.56 8.99
CA LYS B 61 7.74 16.23 8.52
C LYS B 61 7.80 14.78 8.04
N TYR B 62 8.50 14.57 6.92
CA TYR B 62 8.75 13.27 6.35
C TYR B 62 10.23 13.17 6.05
N TYR B 63 10.92 12.30 6.77
CA TYR B 63 12.35 12.17 6.63
C TYR B 63 12.69 11.28 5.46
N ARG B 64 13.66 11.72 4.66
CA ARG B 64 14.11 10.96 3.53
C ARG B 64 15.34 10.20 3.97
N ILE B 65 15.30 8.87 3.85
CA ILE B 65 16.40 8.01 4.23
C ILE B 65 17.07 7.38 3.02
N ASN B 66 18.38 7.58 2.88
CA ASN B 66 19.15 6.97 1.79
C ASN B 66 19.39 5.48 2.03
N CYS B 67 18.35 4.69 1.92
CA CYS B 67 18.51 3.26 1.92
C CYS B 67 18.71 2.93 0.44
N LYS B 68 19.88 2.43 0.10
CA LYS B 68 20.13 2.03 -1.25
C LYS B 68 20.26 0.53 -1.19
N LEU B 69 19.25 -0.16 -1.72
CA LEU B 69 19.33 -1.60 -1.80
C LEU B 69 19.64 -1.93 -3.24
N GLU B 70 20.20 -3.11 -3.48
CA GLU B 70 20.29 -3.66 -4.84
C GLU B 70 18.90 -3.60 -5.47
N LYS B 71 18.84 -3.27 -6.77
CA LYS B 71 17.54 -3.13 -7.40
C LYS B 71 16.63 -4.40 -7.23
N ARG B 72 17.21 -5.59 -7.29
CA ARG B 72 16.46 -6.82 -7.08
C ARG B 72 15.75 -6.88 -5.73
N ASN B 73 16.47 -6.47 -4.68
CA ASN B 73 15.94 -6.48 -3.34
C ASN B 73 14.92 -5.39 -3.10
N GLU B 74 15.09 -4.25 -3.74
CA GLU B 74 14.06 -3.23 -3.73
C GLU B 74 12.71 -3.85 -4.18
N ILE B 75 12.73 -4.60 -5.27
CA ILE B 75 11.50 -5.25 -5.70
C ILE B 75 10.99 -6.32 -4.72
N LEU B 76 11.86 -7.18 -4.17
CA LEU B 76 11.43 -8.22 -3.20
C LEU B 76 10.81 -7.61 -1.92
N VAL B 77 11.37 -6.49 -1.48
CA VAL B 77 10.80 -5.73 -0.36
C VAL B 77 9.44 -5.19 -0.73
N LYS B 78 9.30 -4.56 -1.87
CA LYS B 78 7.99 -4.14 -2.37
C LYS B 78 7.02 -5.33 -2.49
N LEU B 79 7.48 -6.49 -2.97
CA LEU B 79 6.61 -7.68 -3.04
C LEU B 79 6.12 -8.17 -1.65
N GLU B 80 7.03 -8.19 -0.67
CA GLU B 80 6.67 -8.60 0.69
C GLU B 80 5.72 -7.60 1.36
N LEU B 81 5.96 -6.32 1.19
CA LEU B 81 5.02 -5.31 1.72
C LEU B 81 3.64 -5.47 1.06
N LYS B 82 3.60 -5.79 -0.24
CA LYS B 82 2.34 -5.98 -0.95
C LYS B 82 1.59 -7.19 -0.40
N LYS B 83 2.28 -8.31 -0.41
CA LYS B 83 1.80 -9.59 0.10
C LYS B 83 1.47 -9.62 1.59
N ARG B 84 1.77 -8.56 2.35
CA ARG B 84 1.22 -8.30 3.70
C ARG B 84 0.22 -7.16 3.78
N GLY B 85 0.09 -6.43 2.68
CA GLY B 85 -0.85 -5.35 2.62
C GLY B 85 -0.41 -4.14 3.39
N THR B 86 0.85 -3.76 3.32
CA THR B 86 1.39 -2.64 4.11
C THR B 86 2.37 -1.84 3.30
N THR B 87 2.69 -0.68 3.84
CA THR B 87 3.81 0.12 3.46
C THR B 87 4.95 -0.13 4.44
N LEU B 88 6.14 0.35 4.11
CA LEU B 88 7.26 0.19 4.98
C LEU B 88 7.04 1.00 6.24
N ASN B 89 6.55 2.23 6.04
CA ASN B 89 6.41 3.18 7.14
C ASN B 89 5.41 2.59 8.11
N ARG B 90 4.32 2.03 7.63
CA ARG B 90 3.35 1.44 8.54
C ARG B 90 3.89 0.18 9.22
N PHE B 91 4.66 -0.62 8.48
CA PHE B 91 5.24 -1.79 9.02
C PHE B 91 6.15 -1.41 10.19
N LEU B 92 7.04 -0.45 9.98
CA LEU B 92 7.91 -0.01 11.06
C LEU B 92 7.12 0.55 12.23
N LYS B 93 6.03 1.23 11.93
CA LYS B 93 5.19 1.82 12.96
C LYS B 93 4.50 0.74 13.81
N GLU B 94 4.04 -0.34 13.17
CA GLU B 94 3.47 -1.49 13.90
C GLU B 94 4.49 -2.25 14.74
N ILE B 96 7.18 -0.82 16.11
CA ILE B 96 7.35 0.03 17.28
C ILE B 96 6.25 -0.29 18.28
N ILE B 98 4.37 -2.61 18.77
CA ILE B 98 4.61 -3.87 19.48
C ILE B 98 5.86 -3.69 20.39
N THR B 99 5.79 -2.75 21.36
CA THR B 99 6.77 -2.62 22.45
C THR B 99 6.12 -2.08 23.72
N VAL C 3 9.63 5.18 -10.84
CA VAL C 3 8.50 4.26 -10.57
C VAL C 3 8.82 2.87 -11.15
N THR C 4 8.24 1.81 -10.59
CA THR C 4 8.41 0.48 -11.14
C THR C 4 7.06 -0.15 -11.46
N VAL C 5 6.83 -0.48 -12.73
CA VAL C 5 5.54 -1.10 -13.15
C VAL C 5 5.74 -2.51 -13.77
N GLU C 6 4.72 -3.33 -13.71
CA GLU C 6 4.68 -4.63 -14.40
C GLU C 6 4.61 -4.46 -15.91
N GLU C 7 4.93 -5.52 -16.64
CA GLU C 7 5.03 -5.43 -18.08
C GLU C 7 3.69 -5.06 -18.72
N GLU C 8 2.61 -5.69 -18.29
CA GLU C 8 1.31 -5.37 -18.87
C GLU C 8 1.00 -3.86 -18.75
N VAL C 9 1.32 -3.27 -17.59
CA VAL C 9 1.08 -1.86 -17.38
C VAL C 9 1.95 -1.05 -18.31
N TYR C 10 3.20 -1.46 -18.47
CA TYR C 10 4.11 -0.73 -19.30
C TYR C 10 3.66 -0.74 -20.73
N GLU C 11 3.23 -1.90 -21.22
CA GLU C 11 2.75 -1.97 -22.60
C GLU C 11 1.64 -0.94 -22.76
N PHE C 12 0.66 -0.98 -21.85
CA PHE C 12 -0.42 -0.01 -21.87
C PHE C 12 0.05 1.43 -21.90
N LEU C 13 0.98 1.79 -21.02
CA LEU C 13 1.49 3.15 -20.99
C LEU C 13 2.23 3.51 -22.28
N LYS C 14 2.96 2.55 -22.84
CA LYS C 14 3.76 2.80 -24.03
C LYS C 14 2.84 3.10 -25.22
N LYS C 15 1.71 2.38 -25.32
CA LYS C 15 0.70 2.62 -26.35
C LYS C 15 0.03 3.99 -26.24
N LYS C 16 -0.33 4.42 -25.03
CA LYS C 16 -0.86 5.78 -24.92
C LYS C 16 0.23 6.77 -25.28
N ALA C 17 1.47 6.51 -24.86
CA ALA C 17 2.54 7.45 -25.17
C ALA C 17 2.64 7.63 -26.68
N LYS C 18 2.61 6.52 -27.42
CA LYS C 18 2.64 6.60 -28.88
C LYS C 18 1.37 7.26 -29.45
N GLU C 19 0.19 6.76 -29.07
CA GLU C 19 -1.12 7.35 -29.47
C GLU C 19 -1.15 8.89 -29.41
N GLU C 20 -0.63 9.43 -28.31
CA GLU C 20 -0.60 10.87 -28.07
C GLU C 20 0.81 11.19 -28.46
N GLY C 21 1.22 12.42 -28.68
CA GLY C 21 2.55 12.52 -29.25
C GLY C 21 3.68 12.58 -28.24
N THR C 22 3.79 11.59 -27.34
CA THR C 22 4.48 11.83 -26.09
C THR C 22 5.24 10.64 -25.46
N SER C 23 5.96 10.90 -24.38
CA SER C 23 6.68 9.86 -23.65
C SER C 23 5.80 9.13 -22.62
N VAL C 24 6.30 8.01 -22.11
CA VAL C 24 5.62 7.26 -21.07
C VAL C 24 5.52 8.05 -19.77
N PRO C 25 6.55 8.82 -19.41
CA PRO C 25 6.40 9.65 -18.23
C PRO C 25 5.39 10.76 -18.37
N ALA C 26 5.21 11.27 -19.58
CA ALA C 26 4.17 12.28 -19.79
C ALA C 26 2.77 11.70 -19.50
N VAL C 27 2.58 10.46 -19.92
CA VAL C 27 1.34 9.78 -19.70
C VAL C 27 1.11 9.59 -18.19
N ILE C 28 2.10 9.07 -17.48
CA ILE C 28 1.99 8.93 -16.01
C ILE C 28 1.65 10.27 -15.34
N ARG C 29 2.37 11.33 -15.69
CA ARG C 29 2.02 12.67 -15.18
C ARG C 29 0.62 13.10 -15.49
N LYS C 30 0.13 12.80 -16.69
CA LYS C 30 -1.25 13.18 -17.05
C LYS C 30 -2.29 12.40 -16.24
N ILE C 31 -2.04 11.12 -16.05
CA ILE C 31 -2.90 10.28 -15.19
C ILE C 31 -2.89 10.84 -13.78
N LEU C 32 -1.70 11.14 -13.26
CA LEU C 32 -1.61 11.62 -11.87
C LEU C 32 -2.32 12.94 -11.70
N LYS C 33 -2.21 13.81 -12.70
CA LYS C 33 -2.98 15.03 -12.63
C LYS C 33 -4.50 14.78 -12.62
N GLU C 34 -4.96 13.98 -13.54
CA GLU C 34 -6.38 13.75 -13.74
C GLU C 34 -7.01 12.97 -12.61
N TYR C 35 -6.36 11.91 -12.13
CA TYR C 35 -6.94 11.12 -11.06
C TYR C 35 -6.67 11.66 -9.67
N PHE C 36 -5.57 12.38 -9.43
CA PHE C 36 -5.21 12.83 -8.04
C PHE C 36 -5.10 14.35 -7.81
N GLY C 37 -5.09 15.14 -8.88
CA GLY C 37 -4.88 16.57 -8.85
C GLY C 37 -3.44 17.00 -8.68
N ILE C 38 -2.49 16.10 -8.90
CA ILE C 38 -1.09 16.46 -8.83
C ILE C 38 -0.65 17.23 -10.04
N GLU C 39 -0.37 18.51 -9.85
CA GLU C 39 0.30 19.35 -10.85
C GLU C 39 1.77 19.21 -10.63
N ASP C 40 2.56 18.93 -11.67
CA ASP C 40 4.02 18.90 -11.53
C ASP C 40 4.78 19.59 -12.66
N ARG C 41 5.65 20.50 -12.26
CA ARG C 41 6.40 21.35 -13.15
C ARG C 41 7.69 20.68 -13.70
N THR C 42 8.38 19.90 -12.87
CA THR C 42 9.73 19.43 -13.21
C THR C 42 9.82 18.93 -14.67
N GLY C 52 12.81 2.82 -21.94
CA GLY C 52 12.26 1.95 -20.92
C GLY C 52 13.03 0.66 -20.68
N SER C 53 13.90 0.71 -19.67
CA SER C 53 14.69 -0.44 -19.19
C SER C 53 14.00 -1.18 -18.05
N TYR C 54 14.46 -2.40 -17.73
CA TYR C 54 13.79 -3.24 -16.74
C TYR C 54 14.70 -4.13 -15.90
N ILE C 55 14.11 -4.88 -14.99
CA ILE C 55 14.81 -5.95 -14.32
C ILE C 55 13.93 -7.16 -14.24
N ILE C 56 14.53 -8.36 -14.15
CA ILE C 56 13.82 -9.60 -14.01
C ILE C 56 13.89 -10.07 -12.57
N VAL C 57 12.74 -10.28 -11.95
CA VAL C 57 12.64 -10.83 -10.59
C VAL C 57 11.57 -11.93 -10.56
N ASN C 58 11.94 -13.10 -10.06
CA ASN C 58 11.13 -14.30 -10.15
C ASN C 58 10.50 -14.56 -11.55
N GLY C 59 11.30 -14.33 -12.58
CA GLY C 59 10.86 -14.54 -13.94
C GLY C 59 10.03 -13.44 -14.59
N LYS C 60 9.65 -12.42 -13.84
CA LYS C 60 8.82 -11.31 -14.36
C LYS C 60 9.64 -10.04 -14.59
N LYS C 61 9.34 -9.32 -15.67
CA LYS C 61 9.98 -8.05 -15.97
C LYS C 61 9.28 -6.95 -15.20
N TYR C 62 10.06 -6.01 -14.68
CA TYR C 62 9.57 -4.83 -13.98
C TYR C 62 10.27 -3.63 -14.59
N TYR C 63 9.51 -2.78 -15.27
CA TYR C 63 10.11 -1.64 -15.94
C TYR C 63 10.32 -0.51 -14.95
N ARG C 64 11.49 0.10 -15.02
CA ARG C 64 11.80 1.26 -14.21
C ARG C 64 11.53 2.51 -15.05
N ILE C 65 10.64 3.37 -14.58
CA ILE C 65 10.27 4.57 -15.33
C ILE C 65 10.78 5.83 -14.65
N ASN C 66 11.51 6.64 -15.40
CA ASN C 66 12.04 7.90 -14.90
C ASN C 66 10.99 8.99 -14.80
N CYS C 67 10.08 8.82 -13.87
CA CYS C 67 9.14 9.85 -13.58
C CYS C 67 9.84 10.64 -12.49
N LYS C 68 10.18 11.88 -12.78
CA LYS C 68 10.83 12.69 -11.79
C LYS C 68 9.82 13.75 -11.45
N LEU C 69 9.24 13.62 -10.26
CA LEU C 69 8.32 14.60 -9.79
C LEU C 69 9.06 15.43 -8.72
N GLU C 70 8.60 16.65 -8.52
CA GLU C 70 9.06 17.45 -7.38
C GLU C 70 8.86 16.64 -6.11
N LYS C 71 9.79 16.73 -5.17
CA LYS C 71 9.75 15.87 -4.01
C LYS C 71 8.40 16.00 -3.28
N ARG C 72 7.86 17.20 -3.20
CA ARG C 72 6.58 17.40 -2.53
C ARG C 72 5.46 16.59 -3.15
N ASN C 73 5.42 16.57 -4.49
CA ASN C 73 4.41 15.80 -5.21
C ASN C 73 4.62 14.29 -5.11
N GLU C 74 5.88 13.85 -5.07
CA GLU C 74 6.18 12.48 -4.76
C GLU C 74 5.48 12.05 -3.46
N ILE C 75 5.57 12.88 -2.42
CA ILE C 75 4.93 12.57 -1.16
C ILE C 75 3.39 12.62 -1.25
N LEU C 76 2.82 13.61 -1.90
CA LEU C 76 1.32 13.65 -2.10
C LEU C 76 0.80 12.42 -2.88
N VAL C 77 1.53 12.00 -3.91
CA VAL C 77 1.15 10.77 -4.62
C VAL C 77 1.22 9.58 -3.73
N LYS C 78 2.34 9.40 -3.02
CA LYS C 78 2.42 8.34 -2.02
C LYS C 78 1.27 8.44 -0.99
N LEU C 79 0.91 9.64 -0.54
CA LEU C 79 -0.18 9.80 0.42
C LEU C 79 -1.52 9.32 -0.16
N GLU C 80 -1.80 9.73 -1.39
CA GLU C 80 -3.03 9.37 -2.05
C GLU C 80 -3.12 7.84 -2.33
N LEU C 81 -2.03 7.23 -2.79
CA LEU C 81 -1.99 5.77 -2.89
C LEU C 81 -2.16 5.08 -1.52
N LYS C 82 -1.60 5.63 -0.45
CA LYS C 82 -1.76 5.06 0.88
C LYS C 82 -3.21 5.16 1.28
N LYS C 83 -3.78 6.35 1.26
CA LYS C 83 -5.21 6.52 1.58
C LYS C 83 -6.12 5.52 0.83
N ARG C 84 -5.79 5.20 -0.41
CA ARG C 84 -6.60 4.28 -1.26
C ARG C 84 -6.13 2.85 -1.12
N GLY C 85 -5.08 2.66 -0.31
CA GLY C 85 -4.65 1.35 0.06
C GLY C 85 -4.05 0.62 -1.08
N THR C 86 -3.32 1.31 -1.95
CA THR C 86 -2.87 0.71 -3.18
C THR C 86 -1.44 1.17 -3.50
N THR C 87 -0.78 0.42 -4.36
CA THR C 87 0.45 0.82 -5.00
C THR C 87 0.09 1.54 -6.30
N LEU C 88 1.06 2.18 -6.91
CA LEU C 88 0.85 2.87 -8.15
C LEU C 88 0.57 1.86 -9.23
N ASN C 89 1.33 0.75 -9.18
CA ASN C 89 1.23 -0.27 -10.21
C ASN C 89 -0.16 -0.87 -10.18
N ARG C 90 -0.66 -1.17 -8.99
CA ARG C 90 -1.99 -1.74 -8.92
C ARG C 90 -3.06 -0.71 -9.32
N PHE C 91 -2.85 0.56 -8.97
CA PHE C 91 -3.75 1.61 -9.33
C PHE C 91 -3.88 1.70 -10.86
N LEU C 92 -2.75 1.78 -11.55
CA LEU C 92 -2.78 1.83 -13.00
C LEU C 92 -3.41 0.54 -13.58
N LYS C 93 -3.20 -0.59 -12.93
CA LYS C 93 -3.78 -1.85 -13.38
C LYS C 93 -5.30 -1.86 -13.21
N GLU C 94 -5.81 -1.29 -12.12
CA GLU C 94 -7.26 -1.15 -11.88
C GLU C 94 -7.94 -0.16 -12.81
N ILE C 96 -6.81 0.41 -15.91
CA ILE C 96 -6.88 -0.33 -17.17
C ILE C 96 -8.17 -1.17 -17.18
N ILE C 98 -10.82 -1.10 -15.70
CA ILE C 98 -12.05 -0.31 -15.84
C ILE C 98 -12.31 0.23 -17.25
N THR C 99 -11.37 0.04 -18.18
CA THR C 99 -11.68 0.24 -19.63
C THR C 99 -12.53 -0.88 -20.28
N VAL C 100 -12.47 -2.11 -19.73
CA VAL C 100 -13.38 -3.20 -20.13
C VAL C 100 -14.86 -2.78 -19.89
N VAL D 3 -21.19 7.06 -17.10
CA VAL D 3 -20.20 7.63 -16.19
C VAL D 3 -19.80 6.51 -15.22
N THR D 4 -18.56 6.51 -14.75
CA THR D 4 -18.11 5.54 -13.72
C THR D 4 -17.59 6.27 -12.52
N VAL D 5 -18.24 6.07 -11.36
CA VAL D 5 -17.84 6.79 -10.14
C VAL D 5 -17.54 5.87 -8.96
N GLU D 6 -16.65 6.33 -8.09
CA GLU D 6 -16.29 5.57 -6.90
C GLU D 6 -17.47 5.58 -5.93
N GLU D 7 -17.44 4.66 -4.99
CA GLU D 7 -18.59 4.46 -4.10
C GLU D 7 -18.90 5.72 -3.27
N GLU D 8 -17.88 6.37 -2.72
CA GLU D 8 -18.11 7.61 -1.97
C GLU D 8 -18.90 8.63 -2.81
N VAL D 9 -18.53 8.76 -4.09
CA VAL D 9 -19.20 9.72 -4.98
C VAL D 9 -20.63 9.30 -5.23
N TYR D 10 -20.85 8.02 -5.45
CA TYR D 10 -22.19 7.52 -5.62
C TYR D 10 -23.07 7.78 -4.37
N GLU D 11 -22.54 7.49 -3.18
CA GLU D 11 -23.32 7.74 -1.98
C GLU D 11 -23.75 9.21 -1.97
N PHE D 12 -22.79 10.11 -2.21
CA PHE D 12 -23.09 11.52 -2.28
C PHE D 12 -24.18 11.83 -3.28
N LEU D 13 -24.09 11.30 -4.47
CA LEU D 13 -25.07 11.56 -5.49
C LEU D 13 -26.43 11.01 -5.10
N LYS D 14 -26.44 9.86 -4.44
CA LYS D 14 -27.70 9.22 -4.04
C LYS D 14 -28.43 10.09 -3.00
N LYS D 15 -27.67 10.71 -2.09
CA LYS D 15 -28.21 11.67 -1.12
C LYS D 15 -28.74 12.93 -1.72
N LYS D 16 -28.07 13.51 -2.70
CA LYS D 16 -28.68 14.65 -3.40
C LYS D 16 -29.92 14.18 -4.15
N ALA D 17 -29.86 13.01 -4.77
CA ALA D 17 -31.03 12.51 -5.47
C ALA D 17 -32.23 12.41 -4.47
N LYS D 18 -32.02 11.91 -3.26
CA LYS D 18 -33.09 11.85 -2.26
C LYS D 18 -33.49 13.25 -1.78
N GLU D 19 -32.52 14.05 -1.37
CA GLU D 19 -32.76 15.47 -1.01
C GLU D 19 -33.67 16.19 -2.00
N GLU D 20 -33.45 15.95 -3.29
CA GLU D 20 -34.14 16.69 -4.38
C GLU D 20 -35.40 16.01 -4.95
N GLY D 21 -35.72 14.79 -4.54
CA GLY D 21 -36.89 14.06 -5.09
C GLY D 21 -36.71 13.57 -6.52
N THR D 22 -35.50 13.13 -6.80
CA THR D 22 -34.98 13.00 -8.14
C THR D 22 -34.11 11.77 -8.20
N SER D 23 -33.76 11.33 -9.41
CA SER D 23 -32.83 10.22 -9.56
C SER D 23 -31.35 10.67 -9.45
N VAL D 24 -30.44 9.71 -9.41
CA VAL D 24 -29.00 10.01 -9.47
C VAL D 24 -28.60 10.63 -10.81
N PRO D 25 -29.13 10.13 -11.94
CA PRO D 25 -28.79 10.79 -13.21
C PRO D 25 -29.34 12.20 -13.37
N ALA D 26 -30.49 12.49 -12.78
CA ALA D 26 -30.97 13.87 -12.80
C ALA D 26 -29.99 14.78 -12.06
N VAL D 27 -29.44 14.29 -10.93
CA VAL D 27 -28.50 15.07 -10.15
C VAL D 27 -27.23 15.33 -10.96
N ILE D 28 -26.66 14.29 -11.54
CA ILE D 28 -25.52 14.47 -12.42
C ILE D 28 -25.78 15.49 -13.54
N ARG D 29 -26.88 15.34 -14.26
CA ARG D 29 -27.24 16.33 -15.28
C ARG D 29 -27.33 17.72 -14.73
N LYS D 30 -27.93 17.86 -13.57
CA LYS D 30 -28.08 19.19 -13.02
C LYS D 30 -26.69 19.80 -12.71
N ILE D 31 -25.80 19.01 -12.11
CA ILE D 31 -24.45 19.46 -11.80
C ILE D 31 -23.76 19.84 -13.10
N LEU D 32 -23.85 18.99 -14.12
CA LEU D 32 -23.22 19.32 -15.42
C LEU D 32 -23.78 20.58 -16.04
N LYS D 33 -25.08 20.79 -15.99
CA LYS D 33 -25.69 22.01 -16.56
C LYS D 33 -25.24 23.23 -15.81
N GLU D 34 -25.24 23.15 -14.49
CA GLU D 34 -24.80 24.29 -13.69
C GLU D 34 -23.31 24.63 -13.79
N TYR D 35 -22.43 23.64 -13.69
CA TYR D 35 -20.99 23.92 -13.65
C TYR D 35 -20.41 24.10 -15.00
N PHE D 36 -21.04 23.56 -16.05
CA PHE D 36 -20.54 23.80 -17.43
C PHE D 36 -21.35 24.84 -18.19
N GLY D 37 -22.43 25.28 -17.57
CA GLY D 37 -23.19 26.40 -18.08
C GLY D 37 -23.86 26.10 -19.40
N ILE D 38 -24.48 24.93 -19.46
CA ILE D 38 -25.10 24.44 -20.66
C ILE D 38 -26.54 23.96 -20.54
N GLU D 39 -27.20 24.06 -21.68
CA GLU D 39 -28.57 23.65 -21.86
C GLU D 39 -28.55 22.20 -22.32
N ASP D 40 -29.34 21.35 -21.68
CA ASP D 40 -29.51 20.00 -22.18
C ASP D 40 -30.99 19.54 -22.05
N ARG D 41 -31.51 19.02 -23.17
CA ARG D 41 -32.90 18.60 -23.27
C ARG D 41 -33.17 17.21 -22.67
N THR D 42 -32.19 16.31 -22.71
CA THR D 42 -32.37 14.93 -22.27
C THR D 42 -33.10 14.74 -20.92
N ARG D 43 -33.97 13.73 -20.84
CA ARG D 43 -34.63 13.27 -19.60
C ARG D 43 -34.65 11.72 -19.50
N ASP D 44 -34.95 11.22 -18.30
CA ASP D 44 -35.12 9.77 -18.01
C ASP D 44 -36.48 9.48 -17.39
N TYR D 45 -37.09 8.34 -17.72
CA TYR D 45 -38.38 7.97 -17.16
C TYR D 45 -38.43 6.48 -16.74
N LYS D 46 -38.48 5.59 -17.74
CA LYS D 46 -38.55 4.14 -17.51
C LYS D 46 -37.17 3.61 -17.89
N ARG D 47 -36.33 3.52 -16.87
CA ARG D 47 -34.90 3.37 -17.06
C ARG D 47 -34.28 2.67 -15.87
N GLN D 48 -33.52 1.59 -16.13
CA GLN D 48 -33.01 0.72 -15.05
C GLN D 48 -32.52 1.53 -13.84
N ASP D 49 -33.11 1.25 -12.67
CA ASP D 49 -32.78 1.91 -11.40
C ASP D 49 -31.71 1.13 -10.57
N LEU D 50 -31.19 0.04 -11.14
CA LEU D 50 -30.27 -0.84 -10.40
C LEU D 50 -29.07 -0.06 -9.81
N GLU D 51 -28.88 -0.22 -8.50
CA GLU D 51 -27.60 -0.04 -7.84
C GLU D 51 -26.84 -1.34 -7.94
N GLY D 52 -27.46 -2.40 -8.47
CA GLY D 52 -26.70 -3.61 -8.87
C GLY D 52 -25.88 -3.41 -10.13
N SER D 53 -25.99 -2.23 -10.80
CA SER D 53 -25.09 -1.82 -11.90
C SER D 53 -23.79 -1.15 -11.38
N TYR D 54 -23.00 -1.96 -10.69
CA TYR D 54 -21.60 -1.64 -10.35
C TYR D 54 -20.69 -2.76 -10.80
N ILE D 55 -19.39 -2.58 -10.63
CA ILE D 55 -18.43 -3.66 -10.78
C ILE D 55 -17.48 -3.61 -9.60
N ILE D 56 -16.95 -4.77 -9.24
CA ILE D 56 -15.97 -4.90 -8.19
C ILE D 56 -14.58 -5.04 -8.79
N VAL D 57 -13.66 -4.17 -8.40
CA VAL D 57 -12.26 -4.30 -8.81
C VAL D 57 -11.41 -4.17 -7.56
N ASN D 58 -10.57 -5.17 -7.30
CA ASN D 58 -9.80 -5.28 -6.07
C ASN D 58 -10.61 -4.99 -4.83
N GLY D 59 -11.80 -5.54 -4.80
CA GLY D 59 -12.66 -5.42 -3.65
C GLY D 59 -13.46 -4.14 -3.54
N LYS D 60 -13.24 -3.17 -4.44
CA LYS D 60 -13.95 -1.89 -4.38
C LYS D 60 -15.04 -1.82 -5.44
N LYS D 61 -16.17 -1.23 -5.07
CA LYS D 61 -17.27 -1.03 -6.00
C LYS D 61 -17.05 0.23 -6.80
N TYR D 62 -17.39 0.16 -8.08
CA TYR D 62 -17.40 1.28 -8.98
C TYR D 62 -18.75 1.29 -9.70
N TYR D 63 -19.54 2.33 -9.49
CA TYR D 63 -20.89 2.38 -10.05
C TYR D 63 -20.87 2.91 -11.46
N ARG D 64 -21.60 2.23 -12.35
CA ARG D 64 -21.75 2.67 -13.74
C ARG D 64 -23.09 3.35 -13.83
N ILE D 65 -23.08 4.63 -14.17
CA ILE D 65 -24.34 5.40 -14.23
C ILE D 65 -24.70 5.71 -15.65
N ASN D 66 -25.95 5.39 -16.01
CA ASN D 66 -26.43 5.59 -17.39
C ASN D 66 -26.82 7.04 -17.62
N CYS D 67 -25.84 7.93 -17.64
CA CYS D 67 -26.10 9.31 -17.93
C CYS D 67 -25.96 9.50 -19.42
N LYS D 68 -27.03 9.92 -20.05
CA LYS D 68 -26.98 10.44 -21.41
C LYS D 68 -27.28 11.93 -21.34
N LEU D 69 -26.47 12.66 -22.06
CA LEU D 69 -26.66 14.03 -22.47
C LEU D 69 -26.81 14.06 -24.00
N GLU D 70 -27.30 15.16 -24.54
CA GLU D 70 -27.24 15.39 -25.98
C GLU D 70 -25.79 15.23 -26.45
N LYS D 71 -25.59 14.70 -27.64
CA LYS D 71 -24.23 14.40 -28.11
C LYS D 71 -23.33 15.62 -28.07
N ARG D 72 -23.84 16.79 -28.43
CA ARG D 72 -23.02 18.02 -28.40
C ARG D 72 -22.48 18.36 -27.02
N ASN D 73 -23.34 18.19 -26.02
CA ASN D 73 -22.94 18.45 -24.63
C ASN D 73 -22.00 17.39 -24.06
N GLU D 74 -22.17 16.15 -24.47
CA GLU D 74 -21.20 15.10 -24.15
C GLU D 74 -19.78 15.48 -24.57
N ILE D 75 -19.64 16.00 -25.78
CA ILE D 75 -18.34 16.43 -26.24
C ILE D 75 -17.80 17.62 -25.45
N LEU D 76 -18.65 18.65 -25.20
CA LEU D 76 -18.17 19.82 -24.48
C LEU D 76 -17.68 19.41 -23.09
N VAL D 77 -18.46 18.57 -22.42
CA VAL D 77 -18.11 18.15 -21.08
C VAL D 77 -16.81 17.36 -21.08
N LYS D 78 -16.64 16.41 -22.00
CA LYS D 78 -15.35 15.73 -22.13
C LYS D 78 -14.19 16.73 -22.37
N LEU D 79 -14.40 17.70 -23.24
CA LEU D 79 -13.33 18.68 -23.53
C LEU D 79 -12.97 19.51 -22.32
N GLU D 80 -13.99 19.95 -21.59
CA GLU D 80 -13.76 20.83 -20.47
C GLU D 80 -13.06 20.10 -19.33
N LEU D 81 -13.45 18.85 -19.06
CA LEU D 81 -12.72 18.03 -18.10
C LEU D 81 -11.27 17.81 -18.53
N LYS D 82 -11.02 17.61 -19.82
CA LYS D 82 -9.66 17.48 -20.29
C LYS D 82 -8.90 18.76 -20.08
N LYS D 83 -9.41 19.87 -20.59
CA LYS D 83 -8.72 21.18 -20.41
C LYS D 83 -8.42 21.49 -18.95
N ARG D 84 -9.30 21.04 -18.09
CA ARG D 84 -9.23 21.33 -16.69
C ARG D 84 -8.33 20.30 -16.03
N GLY D 85 -8.03 19.22 -16.74
CA GLY D 85 -7.14 18.19 -16.24
C GLY D 85 -7.78 17.33 -15.19
N THR D 86 -9.03 16.93 -15.37
CA THR D 86 -9.74 16.16 -14.33
C THR D 86 -10.59 15.09 -14.93
N THR D 87 -10.78 14.02 -14.17
CA THR D 87 -11.78 13.05 -14.50
C THR D 87 -13.11 13.60 -13.95
N LEU D 88 -14.21 13.03 -14.41
CA LEU D 88 -15.52 13.42 -13.90
C LEU D 88 -15.65 13.03 -12.46
N ASN D 89 -15.14 11.85 -12.15
CA ASN D 89 -15.25 11.33 -10.82
C ASN D 89 -14.56 12.25 -9.86
N ARG D 90 -13.34 12.66 -10.19
CA ARG D 90 -12.61 13.53 -9.26
C ARG D 90 -13.29 14.91 -9.14
N PHE D 91 -13.87 15.40 -10.23
CA PHE D 91 -14.60 16.64 -10.22
C PHE D 91 -15.76 16.55 -9.25
N LEU D 92 -16.58 15.51 -9.39
CA LEU D 92 -17.70 15.32 -8.47
C LEU D 92 -17.22 15.13 -7.03
N LYS D 93 -16.10 14.46 -6.85
CA LYS D 93 -15.56 14.22 -5.51
C LYS D 93 -15.14 15.54 -4.83
N GLU D 94 -14.56 16.44 -5.59
CA GLU D 94 -14.12 17.73 -5.04
C GLU D 94 -15.30 18.63 -4.68
N ILE D 96 -18.05 17.36 -3.06
CA ILE D 96 -18.35 16.93 -1.69
C ILE D 96 -17.51 17.77 -0.74
N ILE D 98 -15.95 20.47 -0.90
CA ILE D 98 -16.33 21.89 -0.82
C ILE D 98 -17.65 22.15 -0.07
N THR D 99 -18.51 21.14 0.05
CA THR D 99 -19.66 21.16 0.99
C THR D 99 -19.27 20.77 2.42
N VAL D 100 -18.65 19.59 2.57
CA VAL D 100 -18.08 19.13 3.86
C VAL D 100 -16.87 19.99 4.30
#